data_7MEG
#
_entry.id   7MEG
#
_cell.length_a   123.571
_cell.length_b   123.571
_cell.length_c   123.571
_cell.angle_alpha   90.000
_cell.angle_beta   90.000
_cell.angle_gamma   90.000
#
_symmetry.space_group_name_H-M   'P 43 3 2'
#
loop_
_entity.id
_entity.type
_entity.pdbx_description
1 polymer Beta-lactamase
2 non-polymer (2S,5R)-1-formyl-5-[(sulfooxy)amino]piperidine-2-carboxamide
3 non-polymer 'SULFATE ION'
4 non-polymer (4S)-2-METHYL-2,4-PENTANEDIOL
5 non-polymer IMIDAZOLE
6 water water
#
_entity_poly.entity_id   1
_entity_poly.type   'polypeptide(L)'
_entity_poly.pdbx_seq_one_letter_code
;VNIVDYSDCFEGISGGAIFCNTKNKEYNIYNKELIETRRSPCSTFKIVSTLIGLEKGVINSKESVMGYDGTDYPNKNWNK
NLSLEEAFKESCVWYYKKLINKVDAKSVQNILDDLKYGNCDISEWEGDLKNGKGHLNGFWLESSLQISPKEQVQTMAKIF
EGDTNFKKEHINILRDIMAIDVNDANINVYGKTGTGFDEKNKRVDAWFVGMLEREGDTYYFAIKSDDSNKEITGPKVKEI
AINIIKKYYS
;
_entity_poly.pdbx_strand_id   A
#
loop_
_chem_comp.id
_chem_comp.type
_chem_comp.name
_chem_comp.formula
IMD non-polymer IMIDAZOLE 'C3 H5 N2 1'
MPD non-polymer (4S)-2-METHYL-2,4-PENTANEDIOL 'C6 H14 O2'
NXL non-polymer (2S,5R)-1-formyl-5-[(sulfooxy)amino]piperidine-2-carboxamide 'C7 H13 N3 O6 S'
SO4 non-polymer 'SULFATE ION' 'O4 S -2'
#
# COMPACT_ATOMS: atom_id res chain seq x y z
N VAL A 1 -9.39 20.51 -8.39
CA VAL A 1 -8.99 20.22 -7.01
C VAL A 1 -9.98 20.83 -6.03
N ASN A 2 -10.74 19.99 -5.35
CA ASN A 2 -11.68 20.42 -4.32
C ASN A 2 -11.15 20.02 -2.95
N ILE A 3 -11.03 21.00 -2.06
CA ILE A 3 -10.73 20.74 -0.67
C ILE A 3 -12.02 20.36 0.04
N VAL A 4 -11.99 19.24 0.78
CA VAL A 4 -13.17 18.64 1.37
C VAL A 4 -12.89 18.39 2.84
N ASP A 5 -13.95 18.13 3.59
CA ASP A 5 -13.86 17.95 5.04
C ASP A 5 -14.39 16.56 5.36
N TYR A 6 -13.49 15.60 5.55
CA TYR A 6 -13.88 14.25 5.92
C TYR A 6 -13.71 13.99 7.41
N SER A 7 -13.55 15.05 8.21
CA SER A 7 -13.21 14.89 9.61
C SER A 7 -14.19 14.00 10.36
N ASP A 8 -15.48 14.05 10.02
CA ASP A 8 -16.45 13.26 10.76
C ASP A 8 -16.15 11.77 10.64
N CYS A 9 -15.71 11.32 9.46
CA CYS A 9 -15.37 9.92 9.28
C CYS A 9 -14.09 9.54 10.01
N PHE A 10 -13.21 10.50 10.26
CA PHE A 10 -11.97 10.18 10.96
C PHE A 10 -12.18 10.03 12.45
N GLU A 11 -13.35 10.42 12.97
CA GLU A 11 -13.76 10.17 14.35
C GLU A 11 -12.65 10.52 15.34
N GLY A 12 -12.10 11.72 15.17
CA GLY A 12 -11.12 12.26 16.07
C GLY A 12 -9.68 11.91 15.79
N ILE A 13 -9.39 11.06 14.79
CA ILE A 13 -8.03 10.63 14.51
C ILE A 13 -7.39 11.58 13.49
N SER A 14 -6.15 11.96 13.73
CA SER A 14 -5.43 12.88 12.87
CA SER A 14 -5.48 12.89 12.84
C SER A 14 -5.05 12.18 11.56
N GLY A 15 -5.40 12.78 10.43
CA GLY A 15 -5.10 12.17 9.15
C GLY A 15 -5.58 13.01 7.99
N GLY A 16 -5.52 12.41 6.80
CA GLY A 16 -5.99 13.05 5.59
C GLY A 16 -6.36 12.01 4.55
N ALA A 17 -6.96 12.49 3.47
CA ALA A 17 -7.46 11.59 2.43
C ALA A 17 -7.35 12.29 1.09
N ILE A 18 -7.14 11.51 0.04
CA ILE A 18 -7.17 12.03 -1.33
C ILE A 18 -7.84 10.99 -2.23
N PHE A 19 -8.86 11.43 -2.98
CA PHE A 19 -9.52 10.63 -4.01
C PHE A 19 -9.38 11.34 -5.35
N CYS A 20 -9.05 10.58 -6.39
CA CYS A 20 -8.83 11.15 -7.70
CA CYS A 20 -8.79 11.13 -7.71
C CYS A 20 -9.51 10.32 -8.78
N ASN A 21 -10.27 10.98 -9.63
CA ASN A 21 -10.91 10.35 -10.77
C ASN A 21 -10.24 10.94 -12.00
N THR A 22 -9.43 10.13 -12.70
CA THR A 22 -8.63 10.68 -13.78
C THR A 22 -9.40 10.85 -15.08
N LYS A 23 -10.63 10.33 -15.17
CA LYS A 23 -11.45 10.61 -16.34
C LYS A 23 -11.83 12.08 -16.41
N ASN A 24 -12.26 12.64 -15.29
CA ASN A 24 -12.64 14.05 -15.21
C ASN A 24 -11.73 14.81 -14.25
N LYS A 25 -10.48 14.36 -14.11
CA LYS A 25 -9.42 14.97 -13.29
C LYS A 25 -9.88 15.62 -11.99
N GLU A 26 -10.91 15.08 -11.35
CA GLU A 26 -11.46 15.67 -10.13
C GLU A 26 -10.71 15.10 -8.92
N TYR A 27 -9.91 15.95 -8.28
CA TYR A 27 -9.11 15.64 -7.10
C TYR A 27 -9.84 16.13 -5.84
N ASN A 28 -10.25 15.20 -4.96
CA ASN A 28 -10.85 15.56 -3.68
C ASN A 28 -9.83 15.33 -2.57
N ILE A 29 -9.53 16.39 -1.80
CA ILE A 29 -8.41 16.39 -0.86
C ILE A 29 -8.87 16.87 0.51
N TYR A 30 -8.60 16.06 1.54
CA TYR A 30 -8.80 16.42 2.93
C TYR A 30 -7.45 16.41 3.63
N ASN A 31 -7.06 17.55 4.21
CA ASN A 31 -5.74 17.78 4.79
C ASN A 31 -4.63 17.79 3.74
N LYS A 32 -4.61 18.86 2.95
CA LYS A 32 -3.67 18.98 1.83
C LYS A 32 -2.23 18.88 2.30
N GLU A 33 -1.89 19.52 3.43
CA GLU A 33 -0.52 19.47 3.92
C GLU A 33 -0.08 18.03 4.15
N LEU A 34 -0.97 17.22 4.73
CA LEU A 34 -0.59 15.84 5.04
C LEU A 34 -0.51 15.01 3.76
N ILE A 35 -1.45 15.23 2.83
CA ILE A 35 -1.53 14.48 1.57
C ILE A 35 -0.28 14.69 0.71
N GLU A 36 0.43 15.82 0.86
CA GLU A 36 1.68 16.03 0.14
C GLU A 36 2.94 15.64 0.90
N THR A 37 2.82 15.11 2.12
CA THR A 37 3.99 14.78 2.93
C THR A 37 4.44 13.34 2.71
N ARG A 38 5.70 13.15 2.37
CA ARG A 38 6.24 11.81 2.14
C ARG A 38 6.48 11.07 3.44
N ARG A 39 6.12 9.78 3.46
CA ARG A 39 6.27 8.93 4.64
C ARG A 39 6.59 7.52 4.16
N SER A 40 7.11 6.69 5.05
CA SER A 40 7.35 5.29 4.67
C SER A 40 6.04 4.63 4.21
N PRO A 41 6.05 3.89 3.10
CA PRO A 41 4.81 3.22 2.67
C PRO A 41 4.44 2.02 3.52
N CYS A 42 5.38 1.47 4.29
CA CYS A 42 5.17 0.24 5.04
C CYS A 42 4.55 -0.83 4.14
N SER A 43 3.58 -1.62 4.66
CA SER A 43 3.10 -2.77 3.88
C SER A 43 2.37 -2.38 2.61
N THR A 44 2.01 -1.10 2.39
CA THR A 44 1.45 -0.76 1.10
C THR A 44 2.44 -0.98 -0.04
N PHE A 45 3.73 -1.10 0.26
CA PHE A 45 4.70 -1.37 -0.79
C PHE A 45 4.46 -2.74 -1.44
N LYS A 46 3.71 -3.62 -0.78
CA LYS A 46 3.44 -4.93 -1.38
C LYS A 46 2.72 -4.82 -2.73
N ILE A 47 1.99 -3.73 -2.96
CA ILE A 47 1.38 -3.49 -4.26
C ILE A 47 2.45 -3.47 -5.34
N VAL A 48 3.52 -2.71 -5.11
CA VAL A 48 4.61 -2.60 -6.09
C VAL A 48 5.54 -3.81 -6.05
N SER A 49 5.88 -4.32 -4.85
CA SER A 49 6.81 -5.43 -4.81
C SER A 49 6.23 -6.69 -5.44
N THR A 50 4.91 -6.87 -5.36
CA THR A 50 4.28 -7.98 -6.07
C THR A 50 4.52 -7.86 -7.58
N LEU A 51 4.34 -6.66 -8.13
CA LEU A 51 4.53 -6.46 -9.57
C LEU A 51 5.99 -6.66 -9.97
N ILE A 52 6.91 -6.18 -9.14
CA ILE A 52 8.33 -6.40 -9.39
C ILE A 52 8.61 -7.89 -9.46
N GLY A 53 8.13 -8.65 -8.47
CA GLY A 53 8.39 -10.08 -8.45
C GLY A 53 7.82 -10.78 -9.66
N LEU A 54 6.62 -10.38 -10.09
CA LEU A 54 6.02 -10.96 -11.28
C LEU A 54 6.83 -10.61 -12.52
N GLU A 55 7.22 -9.34 -12.65
CA GLU A 55 7.98 -8.91 -13.82
C GLU A 55 9.31 -9.66 -13.93
N LYS A 56 9.97 -9.90 -12.81
CA LYS A 56 11.27 -10.57 -12.84
C LYS A 56 11.16 -12.09 -12.87
N GLY A 57 9.97 -12.65 -12.80
CA GLY A 57 9.80 -14.08 -12.82
C GLY A 57 10.09 -14.77 -11.51
N VAL A 58 10.27 -14.01 -10.42
CA VAL A 58 10.43 -14.62 -9.10
C VAL A 58 9.14 -15.35 -8.69
N ILE A 59 7.99 -14.79 -9.06
CA ILE A 59 6.67 -15.41 -8.92
C ILE A 59 5.96 -15.27 -10.26
N ASN A 60 4.88 -16.03 -10.45
CA ASN A 60 4.25 -16.11 -11.76
C ASN A 60 2.75 -16.02 -11.73
N SER A 61 2.10 -16.33 -10.61
CA SER A 61 0.65 -16.37 -10.53
C SER A 61 0.23 -16.18 -9.08
N LYS A 62 -1.08 -16.09 -8.87
CA LYS A 62 -1.53 -15.94 -7.50
C LYS A 62 -1.31 -17.19 -6.65
N GLU A 63 -0.96 -18.34 -7.28
CA GLU A 63 -0.61 -19.57 -6.59
C GLU A 63 0.86 -19.64 -6.18
N SER A 64 1.71 -18.77 -6.70
CA SER A 64 3.15 -18.97 -6.63
C SER A 64 3.66 -19.03 -5.20
N VAL A 65 4.66 -19.88 -4.96
CA VAL A 65 5.18 -20.09 -3.61
C VAL A 65 6.63 -19.62 -3.58
N MET A 66 7.14 -19.37 -2.37
CA MET A 66 8.51 -18.92 -2.14
C MET A 66 9.33 -19.89 -1.28
N GLY A 67 8.89 -21.15 -1.16
CA GLY A 67 9.77 -22.15 -0.58
C GLY A 67 9.96 -22.03 0.93
N TYR A 68 8.85 -22.05 1.67
CA TYR A 68 8.89 -21.95 3.13
C TYR A 68 9.91 -22.93 3.71
N ASP A 69 10.72 -22.47 4.67
CA ASP A 69 11.81 -23.31 5.20
C ASP A 69 11.55 -23.82 6.62
N GLY A 70 10.37 -23.62 7.17
CA GLY A 70 10.07 -24.17 8.48
C GLY A 70 10.30 -23.24 9.65
N THR A 71 10.80 -22.03 9.42
CA THR A 71 11.06 -21.09 10.51
C THR A 71 9.78 -20.78 11.30
N ASP A 72 9.91 -20.72 12.64
CA ASP A 72 8.77 -20.46 13.50
C ASP A 72 8.40 -18.98 13.55
N TYR A 73 7.12 -18.67 13.35
CA TYR A 73 6.61 -17.30 13.47
C TYR A 73 5.36 -17.26 14.35
N PRO A 74 5.12 -16.15 15.03
CA PRO A 74 3.91 -16.07 15.88
C PRO A 74 2.61 -16.08 15.08
N ASN A 75 2.55 -15.50 13.88
CA ASN A 75 1.34 -15.60 13.06
C ASN A 75 1.25 -17.02 12.48
N LYS A 76 0.23 -17.77 12.89
CA LYS A 76 0.06 -19.15 12.42
C LYS A 76 0.13 -19.25 10.91
N ASN A 77 -0.45 -18.28 10.21
CA ASN A 77 -0.56 -18.36 8.76
C ASN A 77 0.75 -18.10 8.04
N TRP A 78 1.78 -17.58 8.74
CA TRP A 78 3.09 -17.47 8.13
C TRP A 78 3.85 -18.78 8.16
N ASN A 79 3.40 -19.76 8.94
CA ASN A 79 4.14 -21.00 9.13
C ASN A 79 3.73 -22.06 8.11
N LYS A 80 3.71 -21.70 6.84
CA LYS A 80 3.34 -22.65 5.79
C LYS A 80 3.86 -22.14 4.46
N ASN A 81 3.81 -23.02 3.47
CA ASN A 81 4.28 -22.67 2.12
C ASN A 81 3.17 -21.92 1.39
N LEU A 82 2.91 -20.70 1.84
CA LEU A 82 1.71 -20.05 1.38
C LEU A 82 1.89 -19.48 -0.03
N SER A 83 0.77 -19.32 -0.71
CA SER A 83 0.74 -18.76 -2.04
C SER A 83 0.88 -17.25 -2.00
N LEU A 84 1.11 -16.66 -3.18
CA LEU A 84 1.15 -15.19 -3.32
C LEU A 84 -0.12 -14.55 -2.77
N GLU A 85 -1.28 -15.08 -3.15
CA GLU A 85 -2.54 -14.54 -2.66
C GLU A 85 -2.60 -14.53 -1.13
N GLU A 86 -2.19 -15.63 -0.50
CA GLU A 86 -2.28 -15.65 0.96
CA GLU A 86 -2.25 -15.72 0.96
C GLU A 86 -1.20 -14.81 1.61
N ALA A 87 0.01 -14.76 1.03
CA ALA A 87 1.06 -13.92 1.60
C ALA A 87 0.67 -12.45 1.53
N PHE A 88 0.02 -12.05 0.44
CA PHE A 88 -0.46 -10.68 0.31
C PHE A 88 -1.52 -10.38 1.37
N LYS A 89 -2.51 -11.27 1.49
CA LYS A 89 -3.61 -11.03 2.43
C LYS A 89 -3.15 -11.16 3.88
N GLU A 90 -2.20 -12.05 4.17
CA GLU A 90 -1.66 -12.14 5.52
C GLU A 90 -0.48 -11.21 5.78
N SER A 91 -0.07 -10.40 4.81
CA SER A 91 1.11 -9.53 4.94
C SER A 91 2.29 -10.33 5.50
N CYS A 92 2.64 -11.42 4.82
CA CYS A 92 3.68 -12.31 5.30
C CYS A 92 5.05 -11.70 4.99
N VAL A 93 5.74 -11.24 6.04
CA VAL A 93 6.99 -10.51 5.84
C VAL A 93 8.06 -11.40 5.22
N TRP A 94 8.19 -12.66 5.68
CA TRP A 94 9.33 -13.45 5.20
C TRP A 94 9.21 -13.74 3.71
N TYR A 95 7.97 -13.96 3.25
CA TYR A 95 7.70 -14.20 1.83
C TYR A 95 8.12 -13.00 0.99
N TYR A 96 7.72 -11.80 1.40
CA TYR A 96 8.03 -10.62 0.58
C TYR A 96 9.48 -10.17 0.72
N LYS A 97 10.11 -10.48 1.85
CA LYS A 97 11.55 -10.23 1.98
C LYS A 97 12.33 -11.16 1.07
N LYS A 98 11.96 -12.43 1.06
CA LYS A 98 12.67 -13.40 0.23
C LYS A 98 12.49 -13.06 -1.24
N LEU A 99 11.28 -12.65 -1.61
CA LEU A 99 10.97 -12.23 -2.96
C LEU A 99 11.86 -11.07 -3.39
N ILE A 100 11.85 -9.97 -2.62
CA ILE A 100 12.61 -8.79 -3.04
C ILE A 100 14.11 -9.06 -3.02
N ASN A 101 14.60 -9.92 -2.11
CA ASN A 101 16.03 -10.17 -2.08
C ASN A 101 16.52 -11.07 -3.22
N LYS A 102 15.62 -11.60 -4.03
CA LYS A 102 15.99 -12.23 -5.29
C LYS A 102 16.15 -11.24 -6.45
N VAL A 103 15.87 -9.96 -6.23
CA VAL A 103 15.91 -8.94 -7.30
C VAL A 103 17.10 -8.02 -7.04
N ASP A 104 17.87 -7.74 -8.09
CA ASP A 104 19.03 -6.86 -7.99
C ASP A 104 18.59 -5.40 -7.76
N ALA A 105 19.45 -4.65 -7.09
CA ALA A 105 19.05 -3.31 -6.64
C ALA A 105 18.84 -2.36 -7.81
N LYS A 106 19.63 -2.50 -8.88
CA LYS A 106 19.46 -1.60 -10.01
C LYS A 106 18.10 -1.82 -10.69
N SER A 107 17.65 -3.07 -10.77
CA SER A 107 16.30 -3.34 -11.31
C SER A 107 15.23 -2.65 -10.48
N VAL A 108 15.34 -2.74 -9.16
CA VAL A 108 14.37 -2.12 -8.28
C VAL A 108 14.44 -0.60 -8.42
N GLN A 109 15.66 -0.05 -8.42
CA GLN A 109 15.83 1.41 -8.58
C GLN A 109 15.15 1.91 -9.84
N ASN A 110 15.35 1.21 -10.96
CA ASN A 110 14.81 1.65 -12.24
C ASN A 110 13.28 1.53 -12.29
N ILE A 111 12.72 0.51 -11.66
CA ILE A 111 11.25 0.41 -11.61
C ILE A 111 10.66 1.53 -10.74
N LEU A 112 11.26 1.80 -9.58
CA LEU A 112 10.72 2.87 -8.75
C LEU A 112 10.86 4.21 -9.46
N ASP A 113 11.99 4.44 -10.11
CA ASP A 113 12.18 5.67 -10.88
C ASP A 113 11.10 5.82 -11.96
N ASP A 114 10.83 4.74 -12.72
CA ASP A 114 9.80 4.76 -13.75
C ASP A 114 8.42 5.07 -13.17
N LEU A 115 8.11 4.51 -12.00
CA LEU A 115 6.83 4.74 -11.34
C LEU A 115 6.76 6.09 -10.62
N LYS A 116 7.88 6.81 -10.53
CA LYS A 116 7.98 8.01 -9.70
C LYS A 116 7.53 7.72 -8.28
N TYR A 117 8.09 6.66 -7.70
CA TYR A 117 7.61 6.16 -6.41
C TYR A 117 8.28 6.95 -5.29
N GLY A 118 7.71 8.13 -5.02
CA GLY A 118 8.24 8.98 -3.97
C GLY A 118 9.69 9.34 -4.18
N ASN A 119 10.47 9.28 -3.09
CA ASN A 119 11.89 9.63 -3.16
C ASN A 119 12.71 8.53 -3.82
N CYS A 120 12.12 7.36 -4.10
CA CYS A 120 12.82 6.28 -4.80
C CYS A 120 14.13 5.90 -4.11
N ASP A 121 14.18 6.00 -2.78
CA ASP A 121 15.44 5.88 -2.04
C ASP A 121 15.49 4.48 -1.43
N ILE A 122 16.28 3.60 -2.05
CA ILE A 122 16.46 2.24 -1.56
C ILE A 122 17.84 2.08 -0.92
N SER A 123 18.44 3.20 -0.50
CA SER A 123 19.82 3.17 -0.02
C SER A 123 19.96 2.28 1.22
N GLU A 124 18.93 2.25 2.06
CA GLU A 124 18.96 1.41 3.26
C GLU A 124 18.18 0.13 2.96
N TRP A 125 18.78 -0.69 2.07
CA TRP A 125 18.09 -1.88 1.56
C TRP A 125 17.63 -2.77 2.70
N GLU A 126 18.51 -2.97 3.69
CA GLU A 126 18.29 -3.81 4.86
CA GLU A 126 18.19 -3.87 4.79
C GLU A 126 17.19 -3.28 5.78
N GLY A 127 16.84 -2.02 5.67
CA GLY A 127 15.83 -1.44 6.52
C GLY A 127 16.39 -0.97 7.86
N ASP A 128 15.45 -0.78 8.80
CA ASP A 128 15.71 -0.07 10.05
C ASP A 128 16.23 -1.05 11.11
N LEU A 129 17.49 -1.48 10.93
CA LEU A 129 18.04 -2.54 11.76
C LEU A 129 18.11 -2.16 13.24
N LYS A 130 18.06 -0.86 13.56
CA LYS A 130 18.16 -0.49 14.96
C LYS A 130 16.95 -0.92 15.79
N ASN A 131 15.82 -1.27 15.14
CA ASN A 131 14.66 -1.77 15.87
C ASN A 131 14.82 -3.22 16.33
N GLY A 132 15.93 -3.88 15.98
CA GLY A 132 16.23 -5.20 16.49
C GLY A 132 15.60 -6.36 15.74
N LYS A 133 14.76 -6.11 14.75
CA LYS A 133 14.02 -7.18 14.10
C LYS A 133 14.79 -7.85 12.96
N GLY A 134 16.03 -7.43 12.70
CA GLY A 134 16.91 -8.22 11.84
C GLY A 134 16.37 -8.33 10.43
N HIS A 135 16.23 -9.57 9.95
CA HIS A 135 15.80 -9.80 8.58
C HIS A 135 14.33 -9.55 8.35
N LEU A 136 13.56 -9.21 9.38
CA LEU A 136 12.17 -8.77 9.26
C LEU A 136 12.11 -7.26 9.10
N ASN A 137 12.89 -6.75 8.15
CA ASN A 137 13.07 -5.32 7.92
C ASN A 137 13.32 -5.11 6.44
N GLY A 138 13.14 -3.88 5.97
CA GLY A 138 13.60 -3.56 4.63
C GLY A 138 13.40 -2.09 4.35
N PHE A 139 13.89 -1.65 3.17
CA PHE A 139 13.89 -0.23 2.83
C PHE A 139 12.47 0.37 2.80
N TRP A 140 11.44 -0.46 2.67
CA TRP A 140 10.07 0.06 2.59
C TRP A 140 9.35 0.11 3.94
N LEU A 141 10.00 -0.32 5.03
CA LEU A 141 9.37 -0.43 6.35
C LEU A 141 10.05 0.55 7.32
N GLU A 142 9.51 1.76 7.43
CA GLU A 142 10.05 2.83 8.28
C GLU A 142 11.57 2.97 8.09
N SER A 143 11.95 3.17 6.84
CA SER A 143 13.36 3.17 6.46
C SER A 143 13.57 4.26 5.41
N SER A 144 14.39 4.02 4.40
CA SER A 144 14.81 5.12 3.54
C SER A 144 13.73 5.52 2.52
N LEU A 145 12.87 4.59 2.11
CA LEU A 145 11.91 4.87 1.04
C LEU A 145 10.71 5.61 1.61
N GLN A 146 10.34 6.73 0.96
CA GLN A 146 9.23 7.55 1.43
C GLN A 146 8.41 8.05 0.26
N ILE A 147 7.09 8.08 0.45
CA ILE A 147 6.15 8.46 -0.61
C ILE A 147 4.98 9.21 0.02
N SER A 148 4.47 10.22 -0.69
CA SER A 148 3.32 10.92 -0.14
C SER A 148 2.02 10.22 -0.57
N PRO A 149 0.93 10.45 0.17
CA PRO A 149 -0.37 9.93 -0.25
C PRO A 149 -0.75 10.34 -1.67
N LYS A 150 -0.48 11.58 -2.05
CA LYS A 150 -0.76 11.99 -3.42
C LYS A 150 0.05 11.17 -4.41
N GLU A 151 1.30 10.90 -4.09
CA GLU A 151 2.14 10.12 -5.00
C GLU A 151 1.67 8.68 -5.06
N GLN A 152 1.18 8.15 -3.94
CA GLN A 152 0.59 6.81 -3.96
C GLN A 152 -0.54 6.74 -4.96
N VAL A 153 -1.43 7.73 -4.93
CA VAL A 153 -2.58 7.77 -5.85
C VAL A 153 -2.09 7.89 -7.28
N GLN A 154 -1.09 8.72 -7.52
CA GLN A 154 -0.56 8.87 -8.88
C GLN A 154 0.02 7.56 -9.38
N THR A 155 0.72 6.83 -8.50
CA THR A 155 1.28 5.53 -8.87
C THR A 155 0.17 4.52 -9.12
N MET A 156 -0.84 4.50 -8.26
CA MET A 156 -1.92 3.54 -8.40
C MET A 156 -2.59 3.75 -9.75
N ALA A 157 -2.87 5.01 -10.06
CA ALA A 157 -3.52 5.36 -11.32
C ALA A 157 -2.69 4.90 -12.52
N LYS A 158 -1.38 5.15 -12.47
CA LYS A 158 -0.53 4.78 -13.61
C LYS A 158 -0.55 3.28 -13.83
N ILE A 159 -0.49 2.51 -12.74
CA ILE A 159 -0.47 1.06 -12.86
C ILE A 159 -1.79 0.56 -13.42
N PHE A 160 -2.89 0.94 -12.78
CA PHE A 160 -4.17 0.27 -13.08
C PHE A 160 -4.90 0.87 -14.27
N GLU A 161 -4.49 2.04 -14.76
CA GLU A 161 -4.99 2.55 -16.03
C GLU A 161 -4.19 2.01 -17.22
N GLY A 162 -3.21 1.14 -16.97
CA GLY A 162 -2.44 0.55 -18.05
C GLY A 162 -1.33 1.43 -18.60
N ASP A 163 -0.83 2.37 -17.81
CA ASP A 163 0.14 3.36 -18.29
C ASP A 163 1.58 3.02 -17.93
N THR A 164 1.83 1.85 -17.35
CA THR A 164 3.18 1.34 -17.14
C THR A 164 3.45 0.20 -18.11
N ASN A 165 4.71 -0.27 -18.09
CA ASN A 165 5.10 -1.41 -18.91
C ASN A 165 4.82 -2.76 -18.27
N PHE A 166 4.33 -2.81 -17.03
CA PHE A 166 3.95 -4.08 -16.44
C PHE A 166 2.94 -4.80 -17.31
N LYS A 167 3.05 -6.12 -17.37
CA LYS A 167 2.12 -6.93 -18.16
C LYS A 167 0.69 -6.83 -17.62
N LYS A 168 -0.27 -6.82 -18.53
CA LYS A 168 -1.67 -6.76 -18.13
C LYS A 168 -2.05 -7.95 -17.27
N GLU A 169 -1.55 -9.15 -17.62
CA GLU A 169 -1.75 -10.34 -16.79
C GLU A 169 -1.31 -10.12 -15.36
N HIS A 170 -0.18 -9.44 -15.17
CA HIS A 170 0.36 -9.20 -13.83
C HIS A 170 -0.47 -8.16 -13.09
N ILE A 171 -0.93 -7.15 -13.81
CA ILE A 171 -1.79 -6.16 -13.17
C ILE A 171 -3.10 -6.80 -12.73
N ASN A 172 -3.64 -7.73 -13.55
CA ASN A 172 -4.88 -8.40 -13.14
C ASN A 172 -4.68 -9.34 -11.95
N ILE A 173 -3.51 -9.97 -11.82
CA ILE A 173 -3.22 -10.73 -10.61
C ILE A 173 -3.28 -9.82 -9.39
N LEU A 174 -2.65 -8.64 -9.48
CA LEU A 174 -2.71 -7.69 -8.38
C LEU A 174 -4.14 -7.26 -8.08
N ARG A 175 -4.91 -6.92 -9.12
CA ARG A 175 -6.31 -6.55 -8.90
C ARG A 175 -7.06 -7.62 -8.13
N ASP A 176 -6.93 -8.87 -8.56
CA ASP A 176 -7.62 -9.98 -7.90
C ASP A 176 -7.28 -10.02 -6.41
N ILE A 177 -5.99 -9.99 -6.07
CA ILE A 177 -5.61 -10.19 -4.67
C ILE A 177 -5.86 -8.95 -3.82
N MET A 178 -6.06 -7.79 -4.43
CA MET A 178 -6.32 -6.54 -3.72
C MET A 178 -7.81 -6.35 -3.44
N ALA A 179 -8.69 -7.13 -4.08
CA ALA A 179 -10.11 -6.91 -3.94
C ALA A 179 -10.54 -7.14 -2.50
N ILE A 180 -11.38 -6.24 -1.98
CA ILE A 180 -11.92 -6.46 -0.66
C ILE A 180 -13.44 -6.46 -0.73
N ASP A 181 -14.05 -6.99 0.32
CA ASP A 181 -15.49 -7.06 0.45
C ASP A 181 -15.95 -5.96 1.40
N VAL A 182 -16.74 -5.02 0.90
CA VAL A 182 -17.24 -3.95 1.75
C VAL A 182 -18.73 -4.09 2.01
N ASN A 183 -19.30 -5.24 1.67
CA ASN A 183 -20.72 -5.52 1.89
C ASN A 183 -21.60 -4.54 1.11
N ASP A 184 -21.14 -4.13 -0.07
CA ASP A 184 -21.93 -3.32 -0.99
C ASP A 184 -21.54 -3.77 -2.39
N ALA A 185 -22.43 -4.53 -3.04
CA ALA A 185 -22.13 -5.08 -4.34
C ALA A 185 -22.07 -4.03 -5.44
N ASN A 186 -22.51 -2.80 -5.17
CA ASN A 186 -22.56 -1.76 -6.19
C ASN A 186 -21.27 -0.94 -6.27
N ILE A 187 -20.28 -1.22 -5.44
CA ILE A 187 -18.95 -0.67 -5.61
C ILE A 187 -17.93 -1.79 -5.49
N ASN A 188 -16.89 -1.73 -6.31
CA ASN A 188 -15.76 -2.64 -6.21
C ASN A 188 -14.63 -1.87 -5.55
N VAL A 189 -14.18 -2.33 -4.40
CA VAL A 189 -13.08 -1.68 -3.69
C VAL A 189 -11.89 -2.61 -3.70
N TYR A 190 -10.70 -2.04 -3.88
CA TYR A 190 -9.44 -2.76 -3.86
C TYR A 190 -8.46 -1.96 -3.02
N GLY A 191 -7.66 -2.62 -2.21
CA GLY A 191 -6.72 -1.81 -1.45
C GLY A 191 -5.72 -2.65 -0.68
N LYS A 192 -4.87 -1.95 0.06
CA LYS A 192 -3.89 -2.58 0.94
C LYS A 192 -3.59 -1.64 2.10
N THR A 193 -3.51 -2.20 3.31
CA THR A 193 -3.14 -1.44 4.50
C THR A 193 -1.63 -1.42 4.71
N GLY A 194 -1.19 -0.49 5.55
CA GLY A 194 0.18 -0.50 6.02
C GLY A 194 0.22 0.11 7.40
N THR A 195 1.15 -0.37 8.22
CA THR A 195 1.28 0.12 9.59
C THR A 195 2.75 0.26 9.94
N GLY A 196 3.12 1.45 10.40
CA GLY A 196 4.44 1.64 10.94
C GLY A 196 4.35 2.65 12.05
N PHE A 197 5.44 2.77 12.79
CA PHE A 197 5.57 3.84 13.78
C PHE A 197 6.82 4.64 13.44
N ASP A 198 6.64 5.96 13.32
CA ASP A 198 7.74 6.86 13.01
C ASP A 198 8.44 7.19 14.33
N GLU A 199 9.59 6.56 14.57
CA GLU A 199 10.28 6.74 15.84
C GLU A 199 10.87 8.14 15.97
N LYS A 200 11.13 8.82 14.86
CA LYS A 200 11.67 10.16 14.95
C LYS A 200 10.65 11.14 15.50
N ASN A 201 9.44 11.11 14.97
CA ASN A 201 8.41 12.07 15.30
C ASN A 201 7.34 11.54 16.25
N LYS A 202 7.50 10.31 16.75
CA LYS A 202 6.52 9.71 17.67
C LYS A 202 5.10 9.74 17.06
N ARG A 203 4.98 9.31 15.81
CA ARG A 203 3.67 9.26 15.16
CA ARG A 203 3.68 9.27 15.14
C ARG A 203 3.56 7.99 14.34
N VAL A 204 2.34 7.47 14.24
CA VAL A 204 2.10 6.30 13.41
C VAL A 204 2.16 6.69 11.93
N ASP A 205 2.47 5.70 11.10
CA ASP A 205 2.19 5.78 9.66
C ASP A 205 1.15 4.69 9.37
N ALA A 206 -0.12 5.07 9.32
CA ALA A 206 -1.20 4.11 9.11
C ALA A 206 -1.88 4.44 7.79
N TRP A 207 -1.91 3.45 6.89
CA TRP A 207 -2.28 3.65 5.50
C TRP A 207 -3.44 2.75 5.09
N PHE A 208 -4.25 3.23 4.15
CA PHE A 208 -5.06 2.38 3.27
C PHE A 208 -5.05 3.02 1.90
N VAL A 209 -4.48 2.32 0.91
CA VAL A 209 -4.37 2.86 -0.45
CA VAL A 209 -4.32 2.83 -0.45
C VAL A 209 -4.99 1.87 -1.42
N GLY A 210 -5.63 2.40 -2.47
CA GLY A 210 -6.28 1.51 -3.43
C GLY A 210 -7.15 2.23 -4.44
N MET A 211 -8.19 1.54 -4.88
CA MET A 211 -9.07 2.12 -5.88
CA MET A 211 -9.05 2.04 -5.94
C MET A 211 -10.49 1.63 -5.68
N LEU A 212 -11.40 2.39 -6.28
CA LEU A 212 -12.84 2.26 -6.12
C LEU A 212 -13.42 2.33 -7.52
N GLU A 213 -14.22 1.34 -7.90
CA GLU A 213 -14.95 1.36 -9.16
C GLU A 213 -16.43 1.41 -8.86
N ARG A 214 -17.13 2.36 -9.49
CA ARG A 214 -18.55 2.57 -9.26
C ARG A 214 -19.16 3.01 -10.58
N GLU A 215 -19.66 2.05 -11.36
CA GLU A 215 -20.38 2.31 -12.60
C GLU A 215 -19.62 3.22 -13.56
N GLY A 216 -18.65 2.69 -14.28
CA GLY A 216 -17.89 3.47 -15.24
C GLY A 216 -16.85 4.40 -14.64
N ASP A 217 -17.12 4.93 -13.44
CA ASP A 217 -16.17 5.80 -12.76
C ASP A 217 -15.23 4.98 -11.88
N THR A 218 -13.97 5.39 -11.86
CA THR A 218 -12.93 4.82 -11.02
C THR A 218 -12.27 5.95 -10.23
N TYR A 219 -12.11 5.75 -8.92
CA TYR A 219 -11.38 6.69 -8.07
C TYR A 219 -10.17 5.97 -7.49
N TYR A 220 -9.01 6.60 -7.60
CA TYR A 220 -7.80 6.15 -6.92
C TYR A 220 -7.67 6.93 -5.62
N PHE A 221 -7.35 6.22 -4.53
CA PHE A 221 -7.38 6.89 -3.23
C PHE A 221 -6.25 6.47 -2.32
N ALA A 222 -5.92 7.37 -1.39
CA ALA A 222 -5.00 7.08 -0.29
C ALA A 222 -5.53 7.77 0.96
N ILE A 223 -5.69 6.99 2.03
CA ILE A 223 -6.06 7.51 3.34
C ILE A 223 -4.89 7.26 4.28
N LYS A 224 -4.56 8.27 5.10
CA LYS A 224 -3.34 8.20 5.88
C LYS A 224 -3.57 8.86 7.23
N SER A 225 -3.15 8.19 8.29
CA SER A 225 -3.12 8.82 9.60
C SER A 225 -1.67 9.02 10.03
N ASP A 226 -1.44 10.13 10.74
CA ASP A 226 -0.18 10.41 11.42
C ASP A 226 -0.40 10.64 12.91
N ASP A 227 -1.42 10.01 13.48
CA ASP A 227 -1.77 10.23 14.88
C ASP A 227 -0.62 9.83 15.81
N SER A 228 -0.57 10.45 16.99
CA SER A 228 0.41 10.03 17.96
C SER A 228 -0.03 8.80 18.75
N ASN A 229 -1.28 8.37 18.61
CA ASN A 229 -1.77 7.23 19.37
C ASN A 229 -1.35 5.95 18.65
N LYS A 230 -0.48 5.16 19.29
CA LYS A 230 0.01 3.91 18.71
C LYS A 230 -1.08 2.89 18.44
N GLU A 231 -2.30 3.11 18.93
CA GLU A 231 -3.39 2.19 18.65
C GLU A 231 -3.90 2.33 17.22
N ILE A 232 -3.51 3.39 16.52
CA ILE A 232 -4.04 3.68 15.20
C ILE A 232 -3.25 2.88 14.18
N THR A 233 -3.88 1.91 13.56
CA THR A 233 -3.23 0.97 12.64
C THR A 233 -3.80 1.12 11.24
N GLY A 234 -3.13 0.47 10.29
CA GLY A 234 -3.65 0.33 8.94
C GLY A 234 -5.08 -0.16 8.88
N PRO A 235 -5.37 -1.29 9.53
CA PRO A 235 -6.76 -1.77 9.56
C PRO A 235 -7.74 -0.74 10.10
N LYS A 236 -7.32 0.09 11.06
CA LYS A 236 -8.21 1.12 11.57
C LYS A 236 -8.46 2.18 10.51
N VAL A 237 -7.42 2.55 9.77
CA VAL A 237 -7.57 3.57 8.73
C VAL A 237 -8.37 3.00 7.56
N LYS A 238 -8.33 1.68 7.36
CA LYS A 238 -9.18 1.08 6.34
C LYS A 238 -10.65 1.22 6.69
N GLU A 239 -11.02 1.04 7.96
CA GLU A 239 -12.40 1.31 8.38
C GLU A 239 -12.80 2.74 8.05
N ILE A 240 -11.93 3.69 8.40
CA ILE A 240 -12.20 5.10 8.10
C ILE A 240 -12.40 5.28 6.60
N ALA A 241 -11.49 4.74 5.79
CA ALA A 241 -11.63 4.80 4.35
C ALA A 241 -12.96 4.22 3.88
N ILE A 242 -13.36 3.09 4.45
CA ILE A 242 -14.61 2.49 4.02
C ILE A 242 -15.80 3.39 4.41
N ASN A 243 -15.71 4.05 5.56
CA ASN A 243 -16.77 4.98 5.95
C ASN A 243 -16.87 6.13 4.98
N ILE A 244 -15.73 6.66 4.53
CA ILE A 244 -15.73 7.74 3.55
C ILE A 244 -16.33 7.27 2.23
N ILE A 245 -15.95 6.08 1.77
CA ILE A 245 -16.45 5.60 0.49
C ILE A 245 -17.97 5.44 0.54
N LYS A 246 -18.49 4.87 1.63
CA LYS A 246 -19.93 4.64 1.73
CA LYS A 246 -19.93 4.64 1.72
C LYS A 246 -20.70 5.95 1.86
N LYS A 247 -20.12 6.94 2.54
CA LYS A 247 -20.80 8.22 2.72
C LYS A 247 -20.73 9.09 1.47
N TYR A 248 -19.55 9.20 0.85
CA TYR A 248 -19.37 10.20 -0.19
C TYR A 248 -19.20 9.64 -1.60
N TYR A 249 -18.95 8.34 -1.76
CA TYR A 249 -18.60 7.80 -3.08
C TYR A 249 -19.50 6.66 -3.51
N SER A 250 -20.68 6.53 -2.91
CA SER A 250 -21.58 5.42 -3.22
C SER A 250 -22.69 5.86 -4.18
OAC NXL B . 2.83 -2.45 7.14
CAN NXL B . 2.99 -3.65 7.02
N NXL B . 3.36 -4.41 7.97
CAJ NXL B . 3.32 -5.85 7.79
CAJ NXL B . 3.20 -4.02 9.37
CA NXL B . 3.83 -3.96 9.28
CA NXL B . 3.97 -5.70 7.75
C NXL B . 5.21 -4.43 9.69
C NXL B . 3.24 -6.82 8.46
O NXL B . 6.00 -4.85 8.86
O NXL B . 3.87 -7.73 8.97
NAA NXL B . 5.55 -4.36 10.98
NAA NXL B . 1.91 -6.80 8.50
CB NXL B . 2.79 -4.44 10.29
CB NXL B . 5.42 -5.56 8.22
CAH NXL B . 2.48 -5.93 10.14
CAH NXL B . 5.46 -5.17 9.70
CAO NXL B . 2.21 -6.37 8.70
CAO NXL B . 4.61 -3.93 9.99
NAK NXL B . 0.85 -5.99 8.20
NAK NXL B . 5.32 -2.72 9.51
OAL NXL B . 0.52 -4.71 8.38
OAL NXL B . 5.80 -2.07 10.60
SAR NXL B . -0.86 -4.21 7.93
SAR NXL B . 7.27 -1.62 10.66
OAD NXL B . -2.01 -5.01 8.77
OAD NXL B . 7.63 -0.88 9.25
OAE NXL B . -1.00 -4.49 6.53
OAE NXL B . 8.10 -2.78 10.83
OAG NXL B . -1.02 -2.80 8.13
OAG NXL B . 7.46 -0.73 11.78
S SO4 C . -11.58 -8.02 3.25
O1 SO4 C . -11.83 -6.62 3.59
O2 SO4 C . -12.44 -8.45 2.13
O3 SO4 C . -10.17 -8.20 2.89
O4 SO4 C . -11.90 -8.83 4.43
S SO4 D . 16.74 -20.69 -2.61
O1 SO4 D . 17.75 -19.84 -3.22
O2 SO4 D . 15.41 -20.12 -2.83
O3 SO4 D . 16.80 -22.04 -3.19
O4 SO4 D . 16.99 -20.78 -1.16
S SO4 E . 12.22 14.47 -5.77
O1 SO4 E . 11.60 15.57 -5.00
O2 SO4 E . 11.22 13.88 -6.65
O3 SO4 E . 13.33 14.99 -6.57
O4 SO4 E . 12.73 13.44 -4.86
C1 MPD F . 9.44 -1.89 -17.54
C2 MPD F . 8.97 -2.59 -16.27
O2 MPD F . 8.28 -3.80 -16.69
CM MPD F . 10.19 -3.01 -15.47
C3 MPD F . 8.00 -1.75 -15.43
C4 MPD F . 8.58 -0.48 -14.82
O4 MPD F . 9.13 0.38 -15.78
C5 MPD F . 7.47 0.29 -14.09
C1 MPD G . 0.69 -5.88 -21.21
C2 MPD G . 0.75 -6.93 -22.30
O2 MPD G . 2.03 -6.72 -22.95
CM MPD G . -0.39 -6.69 -23.27
C3 MPD G . 0.79 -8.37 -21.79
C4 MPD G . -0.47 -8.85 -21.08
O4 MPD G . -1.51 -9.22 -21.98
C5 MPD G . -0.14 -10.07 -20.25
N1 IMD H . 13.31 13.16 -0.07
C2 IMD H . 12.02 13.42 0.27
N3 IMD H . 11.72 12.71 1.39
C4 IMD H . 12.81 12.02 1.75
C5 IMD H . 13.83 12.29 0.84
N1 IMD I . 6.13 15.40 -2.56
C2 IMD I . 6.47 15.60 -1.27
N3 IMD I . 7.76 16.00 -1.22
C4 IMD I . 8.24 16.05 -2.48
C5 IMD I . 7.21 15.67 -3.33
#